data_1G7S
#
_entry.id   1G7S
#
_cell.length_a   48.430
_cell.length_b   54.523
_cell.length_c   91.860
_cell.angle_alpha   104.54
_cell.angle_beta   100.18
_cell.angle_gamma   99.04
#
_symmetry.space_group_name_H-M   'P 1'
#
loop_
_entity.id
_entity.type
_entity.pdbx_description
1 polymer 'TRANSLATION INITIATION FACTOR IF2/EIF5B'
2 non-polymer "GUANOSINE-5'-DIPHOSPHATE"
3 water water
#
_entity_poly.entity_id   1
_entity_poly.type   'polypeptide(L)'
_entity_poly.pdbx_seq_one_letter_code
;MKIRSPIVSVLGHVDHGKTTLLDHIRGSAVASREAGGITQHIGATEIPMDVIEGICGDFLKKFSIRETLPGLFFIDTPGH
EAFTTLRKRGGALADLAILIVDINEGFKPQTQEALNILRMYRTPFVVAANKIDRIHGWRVHEGRPFMETFSKQDIQVQQK
LDTKVYELVGKLHEEGFESERFDRVTDFASQVSIIPISAITGEGIPELLTMLMGLAQQYLREQLKIEEDSPARGTILEVK
EETGLGMTIDAVIYDGILRKDDTIAMMTSKDVISTRIRSLLKPRPLEEMRESRKKFQKVDEVVAAAGIKIVAPGIDDVMA
GSPLRVVTDPEKVREEILSEIEDIKIDTDEAGVVVKADTLGSLEAVVKILRDMYVPIKVADIGDVSRRDVVNAGIALQED
RVYGAIIAFNVKVIPSAAQELKNSDIKLFQGNVIYRLMEEYEEWVRGIEEEKKKKWMEAIIKPASIRLIPKLVFRQSKPA
IGGVEVLTGVIRQGYPLMNDDGETVGTVESMQDKGENLKSASRGQKVAMAIKDAVYGKTIHEGDTLYVDIPENHYHILKE
QLSGDLTDEELDLMDKIAEIKRKKNPDWGMKAPF
;
_entity_poly.pdbx_strand_id   A
#
# COMPACT_ATOMS: atom_id res chain seq x y z
N MET A 1 -5.58 37.73 -2.99
CA MET A 1 -6.06 36.33 -2.72
C MET A 1 -7.45 36.05 -3.25
N LYS A 2 -7.68 34.80 -3.62
CA LYS A 2 -8.99 34.35 -4.12
C LYS A 2 -9.15 32.85 -3.88
N ILE A 3 -10.37 32.37 -4.06
CA ILE A 3 -10.68 30.95 -3.85
C ILE A 3 -10.72 30.29 -5.21
N ARG A 4 -9.93 29.25 -5.42
CA ARG A 4 -9.93 28.61 -6.72
C ARG A 4 -10.87 27.42 -6.78
N SER A 5 -10.95 26.82 -7.96
CA SER A 5 -11.80 25.68 -8.19
C SER A 5 -11.15 24.44 -7.57
N PRO A 6 -11.95 23.57 -6.93
CA PRO A 6 -11.40 22.35 -6.34
C PRO A 6 -10.92 21.50 -7.52
N ILE A 7 -9.79 20.83 -7.37
CA ILE A 7 -9.26 19.96 -8.42
C ILE A 7 -9.82 18.56 -8.15
N VAL A 8 -10.36 17.94 -9.19
CA VAL A 8 -11.00 16.63 -9.03
C VAL A 8 -10.45 15.56 -9.96
N SER A 9 -9.98 14.46 -9.38
CA SER A 9 -9.48 13.36 -10.19
C SER A 9 -10.57 12.29 -10.35
N VAL A 10 -10.51 11.53 -11.43
CA VAL A 10 -11.47 10.47 -11.67
C VAL A 10 -10.57 9.24 -11.75
N LEU A 11 -10.77 8.31 -10.82
CA LEU A 11 -9.97 7.08 -10.74
C LEU A 11 -10.85 5.87 -10.94
N GLY A 12 -10.21 4.73 -11.24
CA GLY A 12 -10.97 3.51 -11.45
C GLY A 12 -10.34 2.57 -12.45
N HIS A 13 -10.76 1.32 -12.41
CA HIS A 13 -10.26 0.27 -13.29
C HIS A 13 -10.53 0.61 -14.75
N VAL A 14 -9.62 0.19 -15.63
CA VAL A 14 -9.78 0.47 -17.05
C VAL A 14 -11.13 -0.01 -17.57
N ASP A 15 -11.72 0.79 -18.46
CA ASP A 15 -13.02 0.52 -19.08
C ASP A 15 -14.23 0.68 -18.16
N HIS A 16 -14.03 1.14 -16.93
CA HIS A 16 -15.18 1.28 -16.04
C HIS A 16 -15.91 2.57 -16.29
N GLY A 17 -15.33 3.45 -17.11
CA GLY A 17 -16.03 4.67 -17.46
C GLY A 17 -15.45 6.04 -17.18
N LYS A 18 -14.20 6.12 -16.75
CA LYS A 18 -13.59 7.40 -16.44
C LYS A 18 -13.69 8.42 -17.58
N THR A 19 -13.30 8.02 -18.78
CA THR A 19 -13.33 8.91 -19.94
C THR A 19 -14.75 9.32 -20.33
N THR A 20 -15.60 8.31 -20.52
CA THR A 20 -16.99 8.55 -20.88
C THR A 20 -17.62 9.53 -19.90
N LEU A 21 -17.36 9.34 -18.61
CA LEU A 21 -17.94 10.22 -17.61
C LEU A 21 -17.51 11.66 -17.82
N LEU A 22 -16.20 11.88 -18.03
CA LEU A 22 -15.69 13.24 -18.24
C LEU A 22 -16.25 13.89 -19.51
N ASP A 23 -16.39 13.10 -20.56
CA ASP A 23 -16.93 13.60 -21.82
C ASP A 23 -18.38 14.06 -21.61
N HIS A 24 -19.14 13.31 -20.82
CA HIS A 24 -20.52 13.70 -20.64
C HIS A 24 -20.65 15.02 -19.90
N ILE A 25 -19.83 15.24 -18.87
CA ILE A 25 -19.89 16.48 -18.14
C ILE A 25 -19.39 17.61 -19.04
N ARG A 26 -18.33 17.32 -19.79
CA ARG A 26 -17.74 18.26 -20.75
C ARG A 26 -18.88 18.69 -21.68
N GLY A 27 -19.57 17.70 -22.24
CA GLY A 27 -20.68 17.95 -23.14
C GLY A 27 -21.76 18.88 -22.61
N SER A 28 -22.18 18.67 -21.37
CA SER A 28 -23.21 19.52 -20.78
C SER A 28 -22.69 20.96 -20.68
N ALA A 29 -21.37 21.09 -20.61
CA ALA A 29 -20.74 22.40 -20.52
C ALA A 29 -20.71 23.00 -21.92
N VAL A 30 -20.20 22.22 -22.86
CA VAL A 30 -20.12 22.62 -24.26
C VAL A 30 -21.48 23.13 -24.71
N ALA A 31 -22.55 22.50 -24.24
CA ALA A 31 -23.90 22.89 -24.60
C ALA A 31 -24.45 23.97 -23.68
N SER A 32 -23.91 25.17 -23.80
CA SER A 32 -24.34 26.31 -23.00
C SER A 32 -23.66 27.54 -23.56
N ARG A 33 -23.53 28.59 -22.75
CA ARG A 33 -22.87 29.82 -23.21
C ARG A 33 -21.51 29.99 -22.54
N ILE A 38 -16.05 29.57 -22.02
CA ILE A 38 -15.42 28.60 -21.05
C ILE A 38 -13.96 28.35 -21.40
N THR A 39 -13.06 28.71 -20.48
CA THR A 39 -11.62 28.52 -20.70
C THR A 39 -11.26 27.05 -20.91
N GLN A 40 -10.45 26.79 -21.93
CA GLN A 40 -10.00 25.43 -22.24
C GLN A 40 -8.65 25.16 -21.59
N HIS A 41 -8.41 23.90 -21.23
CA HIS A 41 -7.16 23.52 -20.58
C HIS A 41 -6.51 22.27 -21.19
N ILE A 42 -5.20 22.17 -21.06
CA ILE A 42 -4.49 20.99 -21.52
C ILE A 42 -4.59 19.96 -20.36
N GLY A 43 -5.11 18.78 -20.66
CA GLY A 43 -5.20 17.72 -19.66
C GLY A 43 -6.21 17.93 -18.54
N ALA A 44 -7.12 18.88 -18.71
CA ALA A 44 -8.12 19.14 -17.68
C ALA A 44 -9.39 19.77 -18.24
N THR A 45 -10.47 19.70 -17.48
CA THR A 45 -11.71 20.28 -17.93
C THR A 45 -12.31 21.07 -16.81
N GLU A 46 -12.57 22.35 -17.08
CA GLU A 46 -13.15 23.20 -16.07
C GLU A 46 -14.65 23.29 -16.35
N ILE A 47 -15.44 23.02 -15.32
CA ILE A 47 -16.88 23.12 -15.43
C ILE A 47 -17.27 24.24 -14.47
N PRO A 48 -17.65 25.40 -15.03
CA PRO A 48 -18.06 26.59 -14.27
C PRO A 48 -19.24 26.30 -13.34
N MET A 49 -19.31 27.04 -12.23
CA MET A 49 -20.38 26.82 -11.28
C MET A 49 -21.79 26.95 -11.86
N ASP A 50 -21.97 27.85 -12.85
CA ASP A 50 -23.30 28.00 -13.45
C ASP A 50 -23.68 26.76 -14.23
N VAL A 51 -22.70 26.07 -14.80
CA VAL A 51 -23.01 24.86 -15.54
C VAL A 51 -23.40 23.78 -14.52
N ILE A 52 -22.65 23.69 -13.43
CA ILE A 52 -22.94 22.72 -12.39
C ILE A 52 -24.33 22.96 -11.81
N GLU A 53 -24.69 24.23 -11.61
CA GLU A 53 -26.00 24.53 -11.07
C GLU A 53 -27.11 24.15 -12.04
N GLY A 54 -26.81 24.24 -13.34
CA GLY A 54 -27.78 23.90 -14.36
C GLY A 54 -28.03 22.40 -14.41
N ILE A 55 -27.01 21.61 -14.10
CA ILE A 55 -27.15 20.15 -14.12
C ILE A 55 -27.81 19.67 -12.82
N CYS A 56 -27.29 20.14 -11.69
CA CYS A 56 -27.83 19.75 -10.40
C CYS A 56 -29.10 20.56 -10.21
N GLY A 57 -30.15 19.93 -9.74
CA GLY A 57 -31.39 20.68 -9.57
C GLY A 57 -31.34 21.64 -8.41
N ASP A 58 -32.40 21.58 -7.61
CA ASP A 58 -32.47 22.42 -6.41
C ASP A 58 -31.76 21.62 -5.33
N PHE A 59 -31.25 20.45 -5.69
CA PHE A 59 -30.56 19.59 -4.75
C PHE A 59 -29.29 20.24 -4.24
N LEU A 60 -28.67 21.02 -5.11
CA LEU A 60 -27.43 21.71 -4.79
C LEU A 60 -27.65 22.87 -3.83
N LYS A 61 -28.86 23.41 -3.83
CA LYS A 61 -29.19 24.55 -3.00
C LYS A 61 -28.92 24.39 -1.50
N LYS A 62 -28.66 23.16 -1.06
CA LYS A 62 -28.39 22.93 0.36
C LYS A 62 -26.92 23.20 0.71
N PHE A 63 -26.09 23.43 -0.31
CA PHE A 63 -24.66 23.66 -0.10
C PHE A 63 -24.25 25.10 -0.36
N SER A 64 -23.99 25.83 0.71
CA SER A 64 -23.60 27.23 0.57
C SER A 64 -22.27 27.52 -0.18
N ILE A 65 -21.27 26.62 -0.12
CA ILE A 65 -20.01 26.91 -0.84
C ILE A 65 -20.18 27.18 -2.31
N ARG A 66 -21.27 26.70 -2.90
CA ARG A 66 -21.47 26.91 -4.34
C ARG A 66 -21.45 28.40 -4.72
N GLU A 67 -21.75 29.27 -3.75
CA GLU A 67 -21.77 30.72 -4.00
C GLU A 67 -20.37 31.34 -4.00
N THR A 68 -19.37 30.54 -3.61
CA THR A 68 -18.01 31.06 -3.53
C THR A 68 -16.97 30.34 -4.38
N LEU A 69 -17.36 29.29 -5.09
CA LEU A 69 -16.39 28.56 -5.93
C LEU A 69 -16.59 28.87 -7.40
N PRO A 70 -15.50 28.98 -8.18
CA PRO A 70 -15.62 29.27 -9.61
C PRO A 70 -16.22 28.11 -10.39
N GLY A 71 -15.94 26.89 -9.92
CA GLY A 71 -16.43 25.68 -10.57
C GLY A 71 -15.65 24.46 -10.08
N LEU A 72 -15.53 23.43 -10.91
CA LEU A 72 -14.78 22.24 -10.56
C LEU A 72 -13.80 21.99 -11.68
N PHE A 73 -12.56 21.77 -11.30
CA PHE A 73 -11.49 21.54 -12.27
C PHE A 73 -11.19 20.04 -12.34
N PHE A 74 -11.73 19.35 -13.35
CA PHE A 74 -11.49 17.92 -13.50
C PHE A 74 -10.21 17.55 -14.25
N ILE A 75 -9.42 16.67 -13.66
CA ILE A 75 -8.18 16.22 -14.29
C ILE A 75 -8.50 15.06 -15.23
N ASP A 76 -8.12 15.20 -16.49
CA ASP A 76 -8.34 14.14 -17.45
C ASP A 76 -7.15 13.20 -17.22
N THR A 77 -7.16 12.53 -16.05
CA THR A 77 -6.10 11.62 -15.61
C THR A 77 -5.09 11.13 -16.64
N PRO A 78 -3.78 11.43 -16.39
CA PRO A 78 -2.52 11.17 -17.09
C PRO A 78 -2.39 10.02 -18.09
N GLY A 79 -1.18 9.92 -18.65
CA GLY A 79 -0.83 8.91 -19.64
C GLY A 79 -1.56 7.58 -19.61
N HIS A 80 -0.88 6.56 -19.10
CA HIS A 80 -1.47 5.23 -19.00
C HIS A 80 -1.98 4.97 -17.58
N GLU A 81 -3.15 5.52 -17.28
CA GLU A 81 -3.78 5.37 -15.97
C GLU A 81 -2.81 5.57 -14.79
N ALA A 82 -1.78 6.38 -15.01
CA ALA A 82 -0.79 6.64 -13.96
C ALA A 82 -1.47 6.93 -12.63
N PHE A 83 -2.04 8.13 -12.52
CA PHE A 83 -2.78 8.63 -11.37
C PHE A 83 -1.98 9.01 -10.11
N THR A 84 -0.91 8.28 -9.80
CA THR A 84 -0.09 8.69 -8.65
C THR A 84 0.80 9.88 -9.11
N THR A 85 0.82 10.13 -10.41
CA THR A 85 1.60 11.25 -10.93
C THR A 85 0.91 12.57 -10.59
N LEU A 86 -0.38 12.49 -10.25
CA LEU A 86 -1.20 13.65 -9.87
C LEU A 86 -0.79 13.90 -8.43
N ARG A 87 0.46 14.29 -8.26
CA ARG A 87 1.01 14.52 -6.94
C ARG A 87 1.33 15.98 -6.68
N LYS A 88 1.56 16.28 -5.40
CA LYS A 88 1.90 17.63 -5.00
C LYS A 88 2.81 17.53 -3.78
N ARG A 89 3.52 18.61 -3.47
CA ARG A 89 4.39 18.61 -2.30
C ARG A 89 3.57 18.08 -1.13
N GLY A 90 3.92 16.87 -0.68
CA GLY A 90 3.20 16.28 0.43
C GLY A 90 2.32 15.11 0.04
N GLY A 91 1.17 15.40 -0.55
CA GLY A 91 0.24 14.35 -0.95
C GLY A 91 -0.30 14.45 -2.37
N ALA A 92 -1.63 14.43 -2.48
CA ALA A 92 -2.29 14.46 -3.77
C ALA A 92 -2.55 15.87 -4.33
N LEU A 93 -2.52 15.96 -5.65
CA LEU A 93 -2.79 17.18 -6.37
C LEU A 93 -4.32 17.44 -6.27
N ALA A 94 -5.10 16.36 -6.30
CA ALA A 94 -6.55 16.51 -6.23
C ALA A 94 -7.06 16.87 -4.85
N ASP A 95 -8.06 17.74 -4.80
CA ASP A 95 -8.69 18.12 -3.55
C ASP A 95 -9.83 17.12 -3.25
N LEU A 96 -10.39 16.56 -4.33
CA LEU A 96 -11.51 15.63 -4.25
C LEU A 96 -11.37 14.58 -5.33
N ALA A 97 -12.07 13.45 -5.16
CA ALA A 97 -12.01 12.41 -6.19
C ALA A 97 -13.33 11.69 -6.41
N ILE A 98 -13.42 11.09 -7.60
CA ILE A 98 -14.58 10.28 -7.92
C ILE A 98 -13.92 8.92 -8.18
N LEU A 99 -14.34 7.87 -7.46
CA LEU A 99 -13.81 6.51 -7.69
C LEU A 99 -14.89 5.83 -8.53
N ILE A 100 -14.63 5.59 -9.81
CA ILE A 100 -15.64 4.97 -10.66
C ILE A 100 -15.50 3.47 -10.65
N VAL A 101 -16.63 2.77 -10.55
CA VAL A 101 -16.65 1.31 -10.52
C VAL A 101 -17.84 0.82 -11.38
N ASP A 102 -17.63 -0.23 -12.16
CA ASP A 102 -18.70 -0.78 -12.99
C ASP A 102 -19.60 -1.50 -12.02
N ILE A 103 -20.84 -1.04 -11.89
CA ILE A 103 -21.79 -1.63 -10.96
C ILE A 103 -22.07 -3.12 -11.25
N ASN A 104 -21.88 -3.51 -12.50
CA ASN A 104 -22.12 -4.90 -12.89
C ASN A 104 -20.90 -5.80 -12.71
N GLU A 105 -19.71 -5.21 -12.76
CA GLU A 105 -18.45 -5.94 -12.59
C GLU A 105 -17.96 -5.99 -11.14
N GLY A 106 -18.19 -4.92 -10.40
CA GLY A 106 -17.73 -4.88 -9.02
C GLY A 106 -16.28 -4.43 -8.95
N PHE A 107 -15.72 -4.48 -7.74
CA PHE A 107 -14.34 -4.09 -7.48
C PHE A 107 -13.30 -4.95 -8.21
N LYS A 108 -12.37 -4.30 -8.89
CA LYS A 108 -11.30 -5.02 -9.57
C LYS A 108 -9.99 -4.57 -8.90
N PRO A 109 -8.85 -5.24 -9.23
CA PRO A 109 -7.58 -4.85 -8.62
C PRO A 109 -7.26 -3.35 -8.67
N GLN A 110 -7.41 -2.74 -9.83
CA GLN A 110 -7.13 -1.32 -9.98
C GLN A 110 -8.02 -0.47 -9.10
N THR A 111 -9.26 -0.93 -8.88
CA THR A 111 -10.20 -0.21 -8.03
C THR A 111 -9.65 -0.17 -6.60
N GLN A 112 -9.17 -1.30 -6.10
CA GLN A 112 -8.66 -1.35 -4.73
C GLN A 112 -7.38 -0.53 -4.61
N GLU A 113 -6.57 -0.52 -5.67
CA GLU A 113 -5.33 0.23 -5.66
C GLU A 113 -5.65 1.72 -5.50
N ALA A 114 -6.67 2.19 -6.21
CA ALA A 114 -7.06 3.60 -6.15
C ALA A 114 -7.64 3.93 -4.78
N LEU A 115 -8.42 3.00 -4.24
CA LEU A 115 -9.05 3.19 -2.95
C LEU A 115 -7.94 3.37 -1.89
N ASN A 116 -6.90 2.53 -1.95
CA ASN A 116 -5.82 2.64 -0.98
C ASN A 116 -5.07 3.97 -1.06
N ILE A 117 -4.93 4.54 -2.25
CA ILE A 117 -4.21 5.80 -2.38
C ILE A 117 -5.09 6.95 -1.89
N LEU A 118 -6.40 6.84 -2.14
CA LEU A 118 -7.31 7.88 -1.67
C LEU A 118 -7.29 7.87 -0.14
N ARG A 119 -7.27 6.70 0.47
CA ARG A 119 -7.25 6.70 1.93
C ARG A 119 -5.90 7.21 2.41
N MET A 120 -4.85 6.75 1.76
CA MET A 120 -3.48 7.15 2.09
C MET A 120 -3.31 8.66 2.16
N TYR A 121 -3.75 9.36 1.12
CA TYR A 121 -3.62 10.82 1.09
C TYR A 121 -4.83 11.55 1.64
N ARG A 122 -5.69 10.83 2.35
CA ARG A 122 -6.90 11.41 2.94
C ARG A 122 -7.70 12.28 1.98
N THR A 123 -7.74 11.92 0.70
CA THR A 123 -8.50 12.71 -0.26
C THR A 123 -9.98 12.32 -0.19
N PRO A 124 -10.86 13.31 0.04
CA PRO A 124 -12.29 13.01 0.12
C PRO A 124 -12.77 12.50 -1.24
N PHE A 125 -13.66 11.53 -1.23
CA PHE A 125 -14.13 11.00 -2.47
C PHE A 125 -15.53 10.46 -2.39
N VAL A 126 -16.09 10.28 -3.57
CA VAL A 126 -17.41 9.79 -3.77
C VAL A 126 -17.23 8.58 -4.69
N VAL A 127 -18.17 7.63 -4.65
CA VAL A 127 -18.08 6.47 -5.51
C VAL A 127 -19.19 6.52 -6.56
N ALA A 128 -18.81 6.42 -7.83
CA ALA A 128 -19.80 6.44 -8.90
C ALA A 128 -19.95 5.01 -9.43
N ALA A 129 -21.10 4.39 -9.13
CA ALA A 129 -21.42 3.01 -9.56
C ALA A 129 -21.98 3.15 -10.97
N ASN A 130 -21.09 3.05 -11.95
CA ASN A 130 -21.40 3.26 -13.37
C ASN A 130 -22.02 2.11 -14.14
N LYS A 131 -22.58 2.46 -15.30
CA LYS A 131 -23.21 1.51 -16.21
C LYS A 131 -24.52 0.90 -15.71
N ILE A 132 -25.34 1.70 -15.02
CA ILE A 132 -26.59 1.17 -14.51
C ILE A 132 -27.52 0.84 -15.66
N ASP A 133 -27.32 1.49 -16.80
CA ASP A 133 -28.14 1.24 -17.98
C ASP A 133 -28.00 -0.20 -18.46
N ARG A 134 -26.96 -0.89 -18.01
CA ARG A 134 -26.75 -2.27 -18.42
C ARG A 134 -27.38 -3.29 -17.48
N ILE A 135 -28.11 -2.83 -16.47
CA ILE A 135 -28.75 -3.78 -15.57
C ILE A 135 -29.93 -4.31 -16.39
N HIS A 136 -30.17 -5.61 -16.32
CA HIS A 136 -31.26 -6.20 -17.08
C HIS A 136 -32.62 -5.58 -16.81
N GLY A 137 -33.28 -5.10 -17.86
CA GLY A 137 -34.60 -4.51 -17.72
C GLY A 137 -34.62 -3.00 -17.54
N TRP A 138 -33.45 -2.41 -17.41
CA TRP A 138 -33.37 -0.96 -17.23
C TRP A 138 -33.86 -0.18 -18.43
N ARG A 139 -34.71 0.81 -18.20
CA ARG A 139 -35.20 1.64 -19.27
C ARG A 139 -34.51 3.01 -19.06
N VAL A 140 -33.69 3.39 -20.04
CA VAL A 140 -32.97 4.66 -19.99
C VAL A 140 -33.89 5.87 -20.00
N HIS A 141 -33.57 6.85 -19.15
CA HIS A 141 -34.31 8.11 -19.10
C HIS A 141 -33.20 9.16 -19.16
N GLU A 142 -32.82 9.46 -20.39
CA GLU A 142 -31.74 10.39 -20.70
C GLU A 142 -31.47 11.56 -19.79
N GLY A 143 -30.24 11.60 -19.28
CA GLY A 143 -29.78 12.68 -18.41
C GLY A 143 -30.59 13.04 -17.18
N ARG A 144 -31.40 12.13 -16.70
CA ARG A 144 -32.22 12.43 -15.53
C ARG A 144 -31.54 12.08 -14.19
N PRO A 145 -31.92 12.76 -13.12
CA PRO A 145 -31.32 12.47 -11.81
C PRO A 145 -31.58 10.98 -11.50
N PHE A 146 -30.65 10.36 -10.78
CA PHE A 146 -30.82 8.96 -10.42
C PHE A 146 -32.16 8.70 -9.75
N MET A 147 -32.52 9.49 -8.74
CA MET A 147 -33.77 9.28 -8.04
C MET A 147 -34.98 9.25 -8.98
N GLU A 148 -35.02 10.17 -9.94
CA GLU A 148 -36.12 10.22 -10.88
C GLU A 148 -36.18 9.01 -11.81
N THR A 149 -35.06 8.69 -12.45
CA THR A 149 -35.07 7.56 -13.36
C THR A 149 -35.23 6.23 -12.64
N PHE A 150 -34.65 6.13 -11.44
CA PHE A 150 -34.76 4.92 -10.64
C PHE A 150 -36.22 4.63 -10.29
N SER A 151 -36.97 5.66 -9.92
CA SER A 151 -38.36 5.48 -9.53
C SER A 151 -39.30 5.05 -10.65
N LYS A 152 -38.81 5.11 -11.88
CA LYS A 152 -39.61 4.72 -13.03
C LYS A 152 -39.30 3.30 -13.46
N GLN A 153 -38.33 2.68 -12.82
CA GLN A 153 -37.98 1.33 -13.20
C GLN A 153 -38.95 0.31 -12.59
N ASP A 154 -39.00 -0.88 -13.15
CA ASP A 154 -39.87 -1.91 -12.58
C ASP A 154 -39.29 -2.28 -11.22
N ILE A 155 -40.16 -2.73 -10.32
CA ILE A 155 -39.73 -3.08 -8.99
C ILE A 155 -38.59 -4.11 -8.97
N GLN A 156 -38.63 -5.11 -9.84
CA GLN A 156 -37.57 -6.11 -9.84
C GLN A 156 -36.25 -5.53 -10.38
N VAL A 157 -36.36 -4.46 -11.15
CA VAL A 157 -35.15 -3.83 -11.68
C VAL A 157 -34.53 -2.97 -10.57
N GLN A 158 -35.38 -2.26 -9.83
CA GLN A 158 -34.93 -1.44 -8.71
C GLN A 158 -34.22 -2.35 -7.72
N GLN A 159 -34.80 -3.53 -7.50
CA GLN A 159 -34.21 -4.46 -6.55
C GLN A 159 -32.87 -4.99 -7.04
N LYS A 160 -32.75 -5.28 -8.34
CA LYS A 160 -31.49 -5.78 -8.84
C LYS A 160 -30.38 -4.73 -8.66
N LEU A 161 -30.73 -3.47 -8.84
CA LEU A 161 -29.75 -2.40 -8.69
C LEU A 161 -29.28 -2.31 -7.23
N ASP A 162 -30.23 -2.36 -6.29
CA ASP A 162 -29.84 -2.29 -4.90
C ASP A 162 -29.01 -3.50 -4.48
N THR A 163 -29.24 -4.65 -5.09
CA THR A 163 -28.46 -5.84 -4.75
C THR A 163 -27.00 -5.58 -5.13
N LYS A 164 -26.80 -4.99 -6.31
CA LYS A 164 -25.46 -4.66 -6.77
C LYS A 164 -24.84 -3.54 -5.93
N VAL A 165 -25.64 -2.58 -5.47
CA VAL A 165 -25.10 -1.52 -4.62
C VAL A 165 -24.63 -2.13 -3.30
N TYR A 166 -25.42 -3.00 -2.71
CA TYR A 166 -24.99 -3.59 -1.44
C TYR A 166 -23.79 -4.52 -1.56
N GLU A 167 -23.54 -5.03 -2.77
CA GLU A 167 -22.36 -5.87 -2.99
C GLU A 167 -21.16 -4.93 -2.87
N LEU A 168 -21.32 -3.73 -3.42
CA LEU A 168 -20.25 -2.73 -3.37
C LEU A 168 -20.02 -2.33 -1.90
N VAL A 169 -21.12 -2.10 -1.17
CA VAL A 169 -21.09 -1.72 0.25
C VAL A 169 -20.35 -2.84 0.97
N GLY A 170 -20.66 -4.09 0.64
CA GLY A 170 -19.98 -5.21 1.27
C GLY A 170 -18.49 -5.13 1.03
N LYS A 171 -18.09 -4.91 -0.21
CA LYS A 171 -16.67 -4.82 -0.53
C LYS A 171 -15.97 -3.65 0.17
N LEU A 172 -16.60 -2.48 0.20
CA LEU A 172 -15.99 -1.31 0.85
C LEU A 172 -15.83 -1.61 2.33
N HIS A 173 -16.78 -2.33 2.91
CA HIS A 173 -16.72 -2.66 4.34
C HIS A 173 -15.48 -3.52 4.63
N GLU A 174 -15.26 -4.56 3.82
CA GLU A 174 -14.10 -5.43 4.00
C GLU A 174 -12.84 -4.58 3.95
N GLU A 175 -12.91 -3.51 3.16
CA GLU A 175 -11.80 -2.58 2.98
C GLU A 175 -11.64 -1.48 4.01
N GLY A 176 -12.44 -1.51 5.06
CA GLY A 176 -12.34 -0.48 6.09
C GLY A 176 -13.15 0.77 5.82
N PHE A 177 -14.08 0.72 4.86
CA PHE A 177 -14.90 1.91 4.59
C PHE A 177 -16.39 1.61 4.77
N GLU A 178 -17.08 2.37 5.60
CA GLU A 178 -18.51 2.16 5.73
C GLU A 178 -19.09 2.96 4.56
N SER A 179 -20.30 2.63 4.12
CA SER A 179 -20.82 3.34 2.97
C SER A 179 -22.28 3.01 2.74
N GLU A 180 -22.88 3.72 1.82
CA GLU A 180 -24.28 3.48 1.48
C GLU A 180 -24.63 4.23 0.21
N ARG A 181 -25.76 3.88 -0.41
CA ARG A 181 -26.22 4.60 -1.59
C ARG A 181 -26.37 6.02 -1.02
N PHE A 182 -25.97 7.03 -1.78
CA PHE A 182 -25.97 8.43 -1.30
C PHE A 182 -27.19 8.91 -0.53
N ASP A 183 -28.38 8.54 -0.98
CA ASP A 183 -29.59 9.01 -0.32
C ASP A 183 -29.88 8.27 0.99
N ARG A 184 -29.09 7.24 1.31
CA ARG A 184 -29.34 6.48 2.55
C ARG A 184 -28.22 6.65 3.56
N VAL A 185 -27.27 7.52 3.22
CA VAL A 185 -26.14 7.82 4.08
C VAL A 185 -26.68 8.52 5.35
N THR A 186 -26.12 8.17 6.50
CA THR A 186 -26.54 8.76 7.76
C THR A 186 -25.45 9.68 8.34
N ASP A 187 -24.20 9.42 7.99
CA ASP A 187 -23.09 10.26 8.47
C ASP A 187 -22.20 10.56 7.26
N PHE A 188 -22.46 11.68 6.60
CA PHE A 188 -21.73 12.06 5.39
C PHE A 188 -20.22 12.12 5.57
N ALA A 189 -19.78 12.48 6.78
CA ALA A 189 -18.37 12.57 7.05
C ALA A 189 -17.65 11.24 7.19
N SER A 190 -18.34 10.20 7.63
CA SER A 190 -17.68 8.92 7.80
C SER A 190 -18.03 7.80 6.81
N GLN A 191 -19.17 7.90 6.12
CA GLN A 191 -19.55 6.89 5.13
C GLN A 191 -19.28 7.37 3.71
N VAL A 192 -18.79 6.47 2.85
CA VAL A 192 -18.59 6.86 1.46
C VAL A 192 -19.98 6.88 0.82
N SER A 193 -20.28 7.91 0.02
CA SER A 193 -21.56 7.99 -0.66
C SER A 193 -21.41 7.33 -2.04
N ILE A 194 -22.34 6.43 -2.36
CA ILE A 194 -22.33 5.73 -3.63
C ILE A 194 -23.44 6.27 -4.55
N ILE A 195 -23.05 6.83 -5.68
CA ILE A 195 -24.04 7.34 -6.59
C ILE A 195 -24.12 6.48 -7.84
N PRO A 196 -25.28 5.79 -8.05
CA PRO A 196 -25.40 4.96 -9.25
C PRO A 196 -25.58 5.87 -10.45
N ILE A 197 -24.80 5.64 -11.50
CA ILE A 197 -24.93 6.48 -12.68
C ILE A 197 -24.74 5.68 -13.98
N SER A 198 -24.91 6.40 -15.07
CA SER A 198 -24.64 5.87 -16.41
C SER A 198 -23.94 7.06 -17.05
N ALA A 199 -22.65 6.91 -17.29
CA ALA A 199 -21.87 7.98 -17.88
C ALA A 199 -22.26 8.19 -19.34
N ILE A 200 -22.68 7.11 -19.99
CA ILE A 200 -23.04 7.21 -21.40
C ILE A 200 -24.40 7.83 -21.56
N THR A 201 -25.27 7.57 -20.59
CA THR A 201 -26.63 8.06 -20.60
C THR A 201 -26.85 9.41 -19.89
N GLY A 202 -25.99 9.72 -18.92
CA GLY A 202 -26.14 10.97 -18.19
C GLY A 202 -26.96 10.75 -16.92
N GLU A 203 -27.57 9.56 -16.79
CA GLU A 203 -28.37 9.27 -15.60
C GLU A 203 -27.54 9.28 -14.31
N GLY A 204 -28.04 9.99 -13.31
CA GLY A 204 -27.35 10.03 -12.03
C GLY A 204 -26.29 11.11 -11.88
N ILE A 205 -25.83 11.63 -13.02
CA ILE A 205 -24.81 12.68 -12.95
C ILE A 205 -25.21 13.85 -12.06
N PRO A 206 -26.51 14.23 -12.05
CA PRO A 206 -26.85 15.36 -11.18
C PRO A 206 -26.54 15.12 -9.70
N GLU A 207 -26.84 13.93 -9.19
CA GLU A 207 -26.52 13.64 -7.78
C GLU A 207 -25.02 13.43 -7.57
N LEU A 208 -24.35 12.95 -8.61
CA LEU A 208 -22.90 12.75 -8.58
C LEU A 208 -22.22 14.08 -8.32
N LEU A 209 -22.55 15.08 -9.13
CA LEU A 209 -21.97 16.41 -8.96
C LEU A 209 -22.41 17.05 -7.65
N THR A 210 -23.66 16.82 -7.26
CA THR A 210 -24.18 17.39 -6.01
C THR A 210 -23.40 16.83 -4.81
N MET A 211 -23.05 15.54 -4.86
CA MET A 211 -22.32 14.93 -3.76
C MET A 211 -20.89 15.44 -3.75
N LEU A 212 -20.32 15.71 -4.93
CA LEU A 212 -18.98 16.28 -4.98
C LEU A 212 -19.01 17.62 -4.27
N MET A 213 -20.03 18.42 -4.57
CA MET A 213 -20.14 19.73 -3.94
C MET A 213 -20.35 19.53 -2.45
N GLY A 214 -20.95 18.40 -2.09
CA GLY A 214 -21.16 18.09 -0.69
C GLY A 214 -19.80 17.86 -0.07
N LEU A 215 -18.90 17.19 -0.79
CA LEU A 215 -17.57 16.95 -0.27
C LEU A 215 -16.83 18.28 -0.06
N ALA A 216 -17.01 19.20 -1.01
CA ALA A 216 -16.37 20.51 -0.90
C ALA A 216 -16.91 21.23 0.34
N GLN A 217 -18.23 21.24 0.49
CA GLN A 217 -18.88 21.90 1.63
C GLN A 217 -18.33 21.38 2.96
N GLN A 218 -18.19 20.07 3.05
CA GLN A 218 -17.70 19.41 4.25
C GLN A 218 -16.21 19.58 4.57
N TYR A 219 -15.36 19.56 3.54
CA TYR A 219 -13.92 19.59 3.74
C TYR A 219 -13.02 20.73 3.22
N LEU A 220 -13.46 21.44 2.20
CA LEU A 220 -12.59 22.43 1.59
C LEU A 220 -12.77 23.88 1.96
N ARG A 221 -11.74 24.43 2.59
CA ARG A 221 -11.73 25.83 2.98
C ARG A 221 -10.40 26.44 2.58
N GLU A 222 -9.45 26.52 3.51
CA GLU A 222 -8.15 27.13 3.18
C GLU A 222 -7.35 26.43 2.09
N GLN A 223 -7.57 25.14 1.85
CA GLN A 223 -6.79 24.49 0.79
C GLN A 223 -7.09 25.09 -0.59
N LEU A 224 -8.17 25.85 -0.70
CA LEU A 224 -8.57 26.47 -1.97
C LEU A 224 -8.09 27.93 -2.13
N LYS A 225 -7.51 28.49 -1.08
CA LYS A 225 -7.05 29.86 -1.16
C LYS A 225 -5.79 29.92 -2.02
N ILE A 226 -5.77 30.80 -3.00
CA ILE A 226 -4.60 30.99 -3.84
C ILE A 226 -4.22 32.47 -3.81
N GLU A 227 -2.94 32.76 -4.07
CA GLU A 227 -2.49 34.15 -4.14
C GLU A 227 -2.21 34.27 -5.64
N GLU A 228 -3.16 34.87 -6.33
CA GLU A 228 -3.12 35.01 -7.78
C GLU A 228 -1.96 35.77 -8.42
N ASP A 229 -1.18 36.51 -7.62
CA ASP A 229 -0.03 37.22 -8.18
C ASP A 229 1.27 36.58 -7.74
N SER A 230 1.21 35.50 -6.97
CA SER A 230 2.43 34.85 -6.50
C SER A 230 3.07 33.99 -7.58
N PRO A 231 4.37 33.72 -7.48
CA PRO A 231 5.04 32.89 -8.48
C PRO A 231 4.32 31.52 -8.56
N ALA A 232 3.92 31.10 -9.77
CA ALA A 232 3.19 29.84 -9.95
C ALA A 232 3.84 28.59 -9.34
N ARG A 233 2.99 27.74 -8.79
CA ARG A 233 3.41 26.47 -8.20
C ARG A 233 2.58 25.43 -8.94
N GLY A 234 3.22 24.38 -9.44
CA GLY A 234 2.45 23.39 -10.16
C GLY A 234 3.12 22.04 -10.12
N THR A 235 2.59 21.13 -10.94
CA THR A 235 3.12 19.79 -11.06
C THR A 235 3.11 19.39 -12.54
N ILE A 236 4.22 18.82 -12.98
CA ILE A 236 4.36 18.35 -14.34
C ILE A 236 3.65 16.98 -14.44
N LEU A 237 2.67 16.87 -15.32
CA LEU A 237 1.93 15.62 -15.51
C LEU A 237 2.47 14.76 -16.65
N GLU A 238 3.03 15.40 -17.68
CA GLU A 238 3.59 14.67 -18.81
C GLU A 238 4.71 15.44 -19.45
N VAL A 239 5.67 14.71 -19.99
CA VAL A 239 6.79 15.28 -20.70
C VAL A 239 6.74 14.52 -22.01
N LYS A 240 6.27 15.17 -23.07
CA LYS A 240 6.14 14.50 -24.34
C LYS A 240 6.37 15.39 -25.55
N GLU A 241 6.72 14.71 -26.63
CA GLU A 241 6.98 15.30 -27.92
C GLU A 241 5.67 15.75 -28.54
N GLU A 242 5.74 16.84 -29.31
CA GLU A 242 4.58 17.35 -29.98
C GLU A 242 5.06 17.85 -31.36
N THR A 243 4.38 17.37 -32.40
CA THR A 243 4.68 17.70 -33.79
C THR A 243 4.89 19.19 -34.00
N GLY A 244 6.04 19.56 -34.58
CA GLY A 244 6.32 20.96 -34.85
C GLY A 244 7.00 21.68 -33.69
N LEU A 245 6.85 21.11 -32.49
CA LEU A 245 7.45 21.67 -31.28
C LEU A 245 8.37 20.57 -30.80
N GLY A 246 9.40 20.86 -30.03
CA GLY A 246 10.16 19.70 -29.62
C GLY A 246 9.47 19.04 -28.44
N MET A 247 10.25 18.78 -27.41
CA MET A 247 9.74 18.20 -26.20
C MET A 247 8.86 19.31 -25.65
N THR A 248 7.83 18.91 -24.92
CA THR A 248 6.84 19.80 -24.39
C THR A 248 6.49 19.30 -22.99
N ILE A 249 5.94 20.18 -22.15
CA ILE A 249 5.53 19.80 -20.80
C ILE A 249 4.05 20.13 -20.58
N ASP A 250 3.29 19.17 -20.09
CA ASP A 250 1.90 19.42 -19.77
C ASP A 250 1.91 19.54 -18.26
N ALA A 251 1.32 20.60 -17.73
CA ALA A 251 1.33 20.78 -16.28
C ALA A 251 0.04 21.35 -15.74
N VAL A 252 -0.19 21.15 -14.45
CA VAL A 252 -1.35 21.75 -13.82
C VAL A 252 -0.78 22.75 -12.82
N ILE A 253 -1.28 23.98 -12.86
CA ILE A 253 -0.83 25.04 -11.95
C ILE A 253 -1.89 25.09 -10.84
N TYR A 254 -1.48 24.92 -9.59
CA TYR A 254 -2.43 24.93 -8.50
C TYR A 254 -2.40 26.17 -7.61
N ASP A 255 -1.39 27.03 -7.79
CA ASP A 255 -1.32 28.29 -7.05
C ASP A 255 -0.55 29.28 -7.91
N GLY A 256 -0.90 30.55 -7.77
CA GLY A 256 -0.18 31.59 -8.50
C GLY A 256 -0.41 31.78 -9.98
N ILE A 257 0.51 32.53 -10.57
CA ILE A 257 0.43 32.85 -11.98
C ILE A 257 1.69 32.44 -12.71
N LEU A 258 1.51 31.89 -13.91
CA LEU A 258 2.64 31.49 -14.74
C LEU A 258 2.58 32.34 -16.02
N ARG A 259 3.67 33.04 -16.33
CA ARG A 259 3.71 33.90 -17.51
C ARG A 259 4.63 33.34 -18.59
N LYS A 260 4.33 33.71 -19.85
CA LYS A 260 5.11 33.20 -20.96
C LYS A 260 6.60 33.49 -20.93
N ASP A 261 7.02 34.46 -20.14
CA ASP A 261 8.44 34.80 -20.08
C ASP A 261 9.13 34.33 -18.80
N ASP A 262 8.41 33.59 -17.96
CA ASP A 262 8.97 33.11 -16.71
C ASP A 262 10.05 32.06 -16.85
N THR A 263 10.84 31.94 -15.79
CA THR A 263 11.88 30.93 -15.68
C THR A 263 11.27 29.92 -14.69
N ILE A 264 11.30 28.65 -15.06
CA ILE A 264 10.74 27.59 -14.20
C ILE A 264 11.75 26.52 -13.81
N ALA A 265 11.71 26.09 -12.55
CA ALA A 265 12.61 25.07 -12.05
C ALA A 265 11.84 23.74 -11.94
N MET A 266 12.53 22.64 -12.17
CA MET A 266 11.91 21.31 -12.12
C MET A 266 13.01 20.32 -11.82
N MET A 267 12.62 19.07 -11.60
CA MET A 267 13.57 18.01 -11.31
C MET A 267 13.70 17.04 -12.47
N THR A 268 14.94 16.66 -12.78
CA THR A 268 15.23 15.74 -13.83
C THR A 268 15.61 14.46 -13.12
N SER A 269 16.13 13.46 -13.84
CA SER A 269 16.50 12.23 -13.16
C SER A 269 17.80 12.44 -12.39
N LYS A 270 18.53 13.53 -12.68
CA LYS A 270 19.81 13.78 -12.02
C LYS A 270 19.90 14.98 -11.09
N ASP A 271 19.32 16.12 -11.48
CA ASP A 271 19.40 17.32 -10.65
C ASP A 271 18.25 18.29 -10.91
N VAL A 272 18.31 19.42 -10.23
CA VAL A 272 17.33 20.48 -10.42
C VAL A 272 17.81 21.33 -11.60
N ILE A 273 16.91 21.71 -12.49
CA ILE A 273 17.25 22.56 -13.62
C ILE A 273 16.21 23.65 -13.64
N SER A 274 16.43 24.64 -14.50
CA SER A 274 15.46 25.71 -14.71
C SER A 274 15.53 25.97 -16.21
N THR A 275 14.46 26.51 -16.78
CA THR A 275 14.45 26.79 -18.20
C THR A 275 13.61 28.02 -18.39
N ARG A 276 13.93 28.78 -19.42
CA ARG A 276 13.15 29.98 -19.72
C ARG A 276 12.09 29.54 -20.71
N ILE A 277 10.83 29.78 -20.37
CA ILE A 277 9.70 29.40 -21.21
C ILE A 277 9.59 30.18 -22.52
N ARG A 278 9.35 29.47 -23.61
CA ARG A 278 9.18 30.08 -24.93
C ARG A 278 7.71 30.26 -25.29
N SER A 279 6.86 29.30 -24.94
CA SER A 279 5.44 29.43 -25.25
C SER A 279 4.54 28.74 -24.23
N LEU A 280 3.34 29.27 -24.06
CA LEU A 280 2.32 28.68 -23.21
C LEU A 280 1.17 28.38 -24.18
N LEU A 281 0.83 27.10 -24.29
CA LEU A 281 -0.20 26.66 -25.21
C LEU A 281 -1.41 26.02 -24.53
N LYS A 282 -2.59 26.42 -24.98
CA LYS A 282 -3.83 25.88 -24.48
C LYS A 282 -4.62 25.41 -25.69
N PRO A 283 -5.69 24.64 -25.47
CA PRO A 283 -6.44 24.20 -26.65
C PRO A 283 -7.14 25.37 -27.30
N ARG A 284 -7.49 25.21 -28.57
CA ARG A 284 -8.21 26.26 -29.29
C ARG A 284 -9.52 26.51 -28.57
N PRO A 285 -9.94 27.77 -28.47
CA PRO A 285 -11.20 28.11 -27.80
C PRO A 285 -12.35 27.39 -28.49
N LEU A 286 -13.50 27.30 -27.83
CA LEU A 286 -14.66 26.64 -28.41
C LEU A 286 -15.46 27.57 -29.34
N GLU A 291 -12.31 28.89 -38.48
CA GLU A 291 -11.66 27.65 -38.99
C GLU A 291 -10.14 27.78 -38.95
N SER A 292 -9.60 27.95 -37.74
CA SER A 292 -8.16 28.10 -37.51
C SER A 292 -7.41 26.80 -37.85
N ARG A 293 -6.22 26.92 -38.41
CA ARG A 293 -5.44 25.72 -38.76
C ARG A 293 -4.52 25.33 -37.63
N LYS A 294 -4.38 26.21 -36.64
CA LYS A 294 -3.52 25.93 -35.49
C LYS A 294 -4.16 24.87 -34.58
N LYS A 295 -3.33 24.04 -33.97
CA LYS A 295 -3.82 23.00 -33.07
C LYS A 295 -3.90 23.56 -31.64
N PHE A 296 -3.19 24.67 -31.41
CA PHE A 296 -3.20 25.28 -30.08
C PHE A 296 -3.36 26.79 -30.17
N GLN A 297 -3.58 27.40 -29.01
CA GLN A 297 -3.67 28.83 -28.90
C GLN A 297 -2.63 29.33 -27.89
N LYS A 298 -1.83 30.31 -28.30
CA LYS A 298 -0.81 30.88 -27.45
C LYS A 298 -1.47 31.77 -26.42
N VAL A 299 -0.90 31.80 -25.23
CA VAL A 299 -1.48 32.60 -24.16
C VAL A 299 -0.37 33.34 -23.43
N ASP A 300 -0.65 34.53 -22.91
CA ASP A 300 0.37 35.32 -22.21
C ASP A 300 0.62 34.84 -20.81
N GLU A 301 -0.41 34.29 -20.19
CA GLU A 301 -0.26 33.82 -18.81
C GLU A 301 -1.43 32.94 -18.46
N VAL A 302 -1.36 32.35 -17.26
CA VAL A 302 -2.42 31.52 -16.77
C VAL A 302 -2.36 31.59 -15.25
N VAL A 303 -3.52 31.58 -14.61
CA VAL A 303 -3.62 31.65 -13.17
C VAL A 303 -4.12 30.33 -12.58
N ALA A 304 -3.58 29.99 -11.41
CA ALA A 304 -3.91 28.76 -10.70
C ALA A 304 -5.33 28.41 -10.88
N ALA A 305 -5.45 27.13 -11.22
CA ALA A 305 -6.67 26.50 -11.56
C ALA A 305 -6.46 26.38 -13.08
N ALA A 306 -5.31 25.85 -13.51
CA ALA A 306 -5.05 25.72 -14.96
C ALA A 306 -4.18 24.54 -15.43
N GLY A 307 -4.49 24.04 -16.63
CA GLY A 307 -3.75 22.96 -17.24
C GLY A 307 -3.11 23.60 -18.46
N ILE A 308 -1.80 23.51 -18.60
CA ILE A 308 -1.16 24.17 -19.71
C ILE A 308 -0.04 23.35 -20.30
N LYS A 309 0.27 23.63 -21.56
CA LYS A 309 1.35 22.95 -22.25
C LYS A 309 2.44 24.00 -22.36
N ILE A 310 3.65 23.63 -21.98
CA ILE A 310 4.74 24.57 -21.99
C ILE A 310 5.81 24.14 -22.98
N VAL A 311 6.31 25.08 -23.77
CA VAL A 311 7.39 24.80 -24.69
C VAL A 311 8.60 25.57 -24.14
N ALA A 312 9.70 24.84 -23.90
CA ALA A 312 10.94 25.41 -23.36
C ALA A 312 12.06 24.41 -23.71
N PRO A 313 13.30 24.91 -23.90
CA PRO A 313 14.51 24.14 -24.27
C PRO A 313 14.75 22.72 -23.71
N GLY A 314 15.89 22.51 -23.06
CA GLY A 314 16.29 21.23 -22.49
C GLY A 314 15.46 20.56 -21.40
N ILE A 315 14.26 20.11 -21.75
CA ILE A 315 13.40 19.47 -20.76
C ILE A 315 13.24 17.97 -21.03
N ASP A 316 14.04 17.41 -21.92
CA ASP A 316 13.94 15.98 -22.25
C ASP A 316 13.95 15.06 -21.04
N ASP A 317 14.77 15.37 -20.05
CA ASP A 317 14.87 14.50 -18.90
C ASP A 317 14.06 14.90 -17.66
N VAL A 318 13.09 15.79 -17.83
CA VAL A 318 12.27 16.19 -16.69
C VAL A 318 11.36 15.03 -16.28
N MET A 319 11.27 14.79 -14.98
CA MET A 319 10.45 13.72 -14.44
C MET A 319 8.97 14.05 -14.33
N ALA A 320 8.12 13.15 -14.82
CA ALA A 320 6.69 13.35 -14.67
C ALA A 320 6.45 13.28 -13.16
N GLY A 321 5.63 14.19 -12.63
CA GLY A 321 5.38 14.21 -11.20
C GLY A 321 6.24 15.25 -10.49
N SER A 322 7.19 15.82 -11.22
CA SER A 322 8.07 16.83 -10.62
C SER A 322 7.36 18.12 -10.28
N PRO A 323 7.82 18.80 -9.21
CA PRO A 323 7.15 20.06 -8.87
C PRO A 323 7.57 20.95 -10.03
N LEU A 324 6.79 22.02 -10.25
CA LEU A 324 7.08 23.02 -11.27
C LEU A 324 7.04 24.33 -10.47
N ARG A 325 8.12 25.11 -10.50
CA ARG A 325 8.19 26.37 -9.75
C ARG A 325 8.75 27.55 -10.56
N VAL A 326 8.03 28.65 -10.55
CA VAL A 326 8.52 29.82 -11.26
C VAL A 326 9.62 30.32 -10.30
N VAL A 327 10.76 30.70 -10.85
CA VAL A 327 11.89 31.10 -10.03
C VAL A 327 12.01 32.59 -9.72
N THR A 328 12.27 32.88 -8.45
CA THR A 328 12.48 34.23 -7.98
C THR A 328 13.91 34.17 -7.45
N ASP A 329 14.10 33.30 -6.47
CA ASP A 329 15.40 33.08 -5.85
C ASP A 329 15.90 31.69 -6.24
N PRO A 330 16.95 31.62 -7.07
CA PRO A 330 17.54 30.37 -7.55
C PRO A 330 17.97 29.36 -6.48
N GLU A 331 18.61 29.84 -5.42
CA GLU A 331 19.05 28.93 -4.37
C GLU A 331 17.91 28.38 -3.53
N LYS A 332 16.96 29.23 -3.19
CA LYS A 332 15.83 28.79 -2.38
C LYS A 332 14.94 27.78 -3.13
N VAL A 333 14.71 28.01 -4.43
CA VAL A 333 13.87 27.09 -5.20
C VAL A 333 14.55 25.75 -5.30
N ARG A 334 15.85 25.77 -5.60
CA ARG A 334 16.63 24.55 -5.74
C ARG A 334 16.56 23.69 -4.49
N GLU A 335 16.89 24.28 -3.35
CA GLU A 335 16.85 23.52 -2.11
C GLU A 335 15.43 23.05 -1.80
N GLU A 336 14.43 23.87 -2.09
CA GLU A 336 13.05 23.47 -1.83
C GLU A 336 12.63 22.26 -2.67
N ILE A 337 13.05 22.22 -3.94
CA ILE A 337 12.70 21.09 -4.78
C ILE A 337 13.52 19.86 -4.35
N LEU A 338 14.80 20.07 -4.05
CA LEU A 338 15.64 18.97 -3.60
C LEU A 338 15.11 18.33 -2.32
N SER A 339 14.70 19.15 -1.37
CA SER A 339 14.19 18.60 -0.11
C SER A 339 12.95 17.75 -0.39
N GLU A 340 12.14 18.18 -1.36
CA GLU A 340 10.94 17.41 -1.69
C GLU A 340 11.34 16.06 -2.28
N ILE A 341 12.19 16.09 -3.30
CA ILE A 341 12.65 14.89 -3.98
C ILE A 341 13.45 13.98 -3.04
N GLU A 342 14.20 14.60 -2.12
CA GLU A 342 15.02 13.87 -1.17
C GLU A 342 14.22 12.86 -0.35
N ASP A 343 12.98 13.20 -0.01
CA ASP A 343 12.14 12.30 0.78
C ASP A 343 11.52 11.18 -0.03
N ILE A 344 11.72 11.20 -1.34
CA ILE A 344 11.18 10.16 -2.22
C ILE A 344 12.27 9.23 -2.73
N LYS A 345 13.40 9.79 -3.16
CA LYS A 345 14.50 8.97 -3.67
C LYS A 345 15.10 8.08 -2.56
N ILE A 346 16.05 8.59 -1.80
CA ILE A 346 16.67 7.81 -0.71
C ILE A 346 17.82 6.86 -1.08
N ASP A 347 18.93 7.03 -0.39
CA ASP A 347 20.12 6.22 -0.56
C ASP A 347 21.03 6.47 0.64
N THR A 348 20.97 5.57 1.62
CA THR A 348 21.78 5.70 2.82
C THR A 348 22.49 4.40 3.15
N ASP A 349 23.32 4.42 4.19
CA ASP A 349 24.07 3.24 4.60
C ASP A 349 23.31 2.42 5.63
N GLU A 350 22.38 3.06 6.34
CA GLU A 350 21.61 2.38 7.37
C GLU A 350 20.41 1.59 6.84
N ALA A 351 19.62 1.08 7.78
CA ALA A 351 18.41 0.31 7.48
C ALA A 351 18.59 -0.77 6.44
N GLY A 352 17.48 -1.12 5.78
CA GLY A 352 17.49 -2.14 4.75
C GLY A 352 16.31 -1.95 3.83
N VAL A 353 16.09 -2.89 2.92
CA VAL A 353 14.98 -2.83 1.97
C VAL A 353 15.29 -1.87 0.82
N VAL A 354 15.30 -2.43 -0.39
CA VAL A 354 15.59 -1.68 -1.62
C VAL A 354 14.31 -1.57 -2.45
N VAL A 355 13.89 -0.36 -2.76
CA VAL A 355 12.67 -0.15 -3.54
C VAL A 355 12.90 0.51 -4.90
N LYS A 356 12.26 -0.03 -5.92
CA LYS A 356 12.34 0.51 -7.26
C LYS A 356 10.91 0.68 -7.77
N ALA A 357 10.63 1.81 -8.40
CA ALA A 357 9.31 2.06 -8.95
C ALA A 357 9.47 2.64 -10.35
N ASP A 358 8.41 2.60 -11.14
CA ASP A 358 8.49 3.09 -12.50
C ASP A 358 8.40 4.62 -12.63
N THR A 359 7.82 5.28 -11.64
CA THR A 359 7.69 6.74 -11.69
C THR A 359 7.89 7.38 -10.32
N LEU A 360 8.05 8.70 -10.31
CA LEU A 360 8.25 9.43 -9.06
C LEU A 360 7.03 9.26 -8.14
N GLY A 361 5.85 9.39 -8.72
CA GLY A 361 4.63 9.25 -7.93
C GLY A 361 4.48 7.86 -7.33
N SER A 362 4.74 6.84 -8.14
CA SER A 362 4.64 5.47 -7.65
C SER A 362 5.66 5.18 -6.56
N LEU A 363 6.88 5.68 -6.75
CA LEU A 363 7.95 5.48 -5.79
C LEU A 363 7.49 6.09 -4.47
N GLU A 364 6.93 7.29 -4.56
CA GLU A 364 6.43 7.99 -3.39
C GLU A 364 5.33 7.19 -2.69
N ALA A 365 4.45 6.57 -3.49
CA ALA A 365 3.36 5.77 -2.93
C ALA A 365 3.92 4.58 -2.14
N VAL A 366 4.86 3.86 -2.74
CA VAL A 366 5.47 2.71 -2.07
C VAL A 366 6.22 3.14 -0.81
N VAL A 367 7.05 4.17 -0.93
CA VAL A 367 7.80 4.68 0.19
C VAL A 367 6.88 5.01 1.38
N LYS A 368 5.79 5.73 1.12
CA LYS A 368 4.86 6.08 2.19
C LYS A 368 4.22 4.84 2.81
N ILE A 369 3.72 3.95 1.98
CA ILE A 369 3.09 2.72 2.46
C ILE A 369 4.07 1.97 3.35
N LEU A 370 5.31 1.83 2.89
CA LEU A 370 6.34 1.15 3.67
C LEU A 370 6.57 1.88 4.98
N ARG A 371 6.70 3.20 4.92
CA ARG A 371 6.91 3.98 6.13
C ARG A 371 5.76 3.81 7.12
N ASP A 372 4.57 3.52 6.62
CA ASP A 372 3.43 3.32 7.53
C ASP A 372 3.54 1.96 8.20
N MET A 373 4.14 1.01 7.48
CA MET A 373 4.32 -0.35 7.98
C MET A 373 5.61 -0.40 8.79
N TYR A 374 6.19 0.77 9.00
CA TYR A 374 7.44 0.95 9.75
C TYR A 374 8.61 0.09 9.29
N VAL A 375 8.66 -0.17 7.99
CA VAL A 375 9.74 -0.93 7.39
C VAL A 375 10.82 0.06 6.97
N PRO A 376 12.05 -0.08 7.49
CA PRO A 376 13.12 0.85 7.12
C PRO A 376 13.47 0.75 5.63
N ILE A 377 13.93 1.85 5.07
CA ILE A 377 14.27 1.89 3.65
C ILE A 377 15.72 2.29 3.43
N LYS A 378 16.45 1.45 2.71
CA LYS A 378 17.85 1.74 2.44
C LYS A 378 17.98 2.46 1.09
N VAL A 379 17.28 1.94 0.09
CA VAL A 379 17.33 2.52 -1.24
C VAL A 379 15.94 2.59 -1.87
N ALA A 380 15.65 3.73 -2.49
CA ALA A 380 14.38 3.95 -3.16
C ALA A 380 14.68 4.80 -4.38
N ASP A 381 14.39 4.29 -5.57
CA ASP A 381 14.67 5.07 -6.76
C ASP A 381 13.84 4.61 -7.94
N ILE A 382 13.99 5.30 -9.05
CA ILE A 382 13.24 5.01 -10.27
C ILE A 382 14.07 4.18 -11.24
N GLY A 383 13.42 3.24 -11.92
CA GLY A 383 14.14 2.43 -12.90
C GLY A 383 14.24 0.95 -12.62
N ASP A 384 14.60 0.18 -13.65
CA ASP A 384 14.73 -1.26 -13.53
C ASP A 384 15.72 -1.69 -12.45
N VAL A 385 15.52 -2.89 -11.91
CA VAL A 385 16.41 -3.41 -10.88
C VAL A 385 17.81 -3.63 -11.47
N SER A 386 18.82 -3.10 -10.80
CA SER A 386 20.19 -3.22 -11.27
C SER A 386 21.09 -4.04 -10.35
N ARG A 387 22.25 -4.41 -10.87
CA ARG A 387 23.22 -5.17 -10.10
C ARG A 387 23.48 -4.41 -8.81
N ARG A 388 23.57 -3.08 -8.92
CA ARG A 388 23.83 -2.25 -7.74
C ARG A 388 22.69 -2.35 -6.72
N ASP A 389 21.47 -2.53 -7.21
CA ASP A 389 20.33 -2.64 -6.30
C ASP A 389 20.49 -3.95 -5.53
N VAL A 390 20.87 -5.00 -6.25
CA VAL A 390 21.07 -6.32 -5.66
C VAL A 390 22.18 -6.33 -4.61
N VAL A 391 23.30 -5.71 -4.94
CA VAL A 391 24.42 -5.64 -4.01
C VAL A 391 24.00 -4.92 -2.73
N ASN A 392 23.32 -3.79 -2.88
CA ASN A 392 22.87 -3.02 -1.73
C ASN A 392 21.90 -3.82 -0.87
N ALA A 393 21.10 -4.67 -1.50
CA ALA A 393 20.16 -5.49 -0.75
C ALA A 393 20.96 -6.48 0.08
N GLY A 394 21.97 -7.08 -0.55
CA GLY A 394 22.82 -8.04 0.15
C GLY A 394 23.44 -7.41 1.38
N ILE A 395 23.85 -6.15 1.25
CA ILE A 395 24.46 -5.45 2.37
C ILE A 395 23.52 -5.31 3.56
N ALA A 396 22.23 -5.08 3.27
CA ALA A 396 21.24 -4.91 4.32
C ALA A 396 20.84 -6.25 4.95
N LEU A 397 20.94 -7.32 4.18
CA LEU A 397 20.58 -8.64 4.67
C LEU A 397 21.44 -8.95 5.90
N GLN A 398 22.68 -8.49 5.87
CA GLN A 398 23.61 -8.72 6.98
C GLN A 398 23.05 -8.40 8.36
N GLU A 399 22.23 -7.36 8.47
CA GLU A 399 21.65 -7.05 9.78
C GLU A 399 20.15 -7.28 9.78
N ASP A 400 19.77 -8.54 9.55
CA ASP A 400 18.39 -9.02 9.53
C ASP A 400 17.98 -9.35 8.10
N ARG A 401 17.63 -10.61 7.88
CA ARG A 401 17.21 -11.09 6.57
C ARG A 401 15.85 -10.50 6.18
N VAL A 402 15.27 -9.73 7.09
CA VAL A 402 13.99 -9.10 6.84
C VAL A 402 14.16 -7.98 5.82
N TYR A 403 15.40 -7.51 5.66
CA TYR A 403 15.68 -6.43 4.71
C TYR A 403 16.33 -6.91 3.42
N GLY A 404 16.74 -8.17 3.39
CA GLY A 404 17.36 -8.71 2.20
C GLY A 404 16.34 -8.91 1.11
N ALA A 405 15.66 -7.83 0.73
CA ALA A 405 14.65 -7.93 -0.32
C ALA A 405 14.56 -6.68 -1.19
N ILE A 406 14.09 -6.87 -2.41
CA ILE A 406 13.92 -5.79 -3.36
C ILE A 406 12.47 -5.74 -3.79
N ILE A 407 11.82 -4.61 -3.54
CA ILE A 407 10.42 -4.44 -3.93
C ILE A 407 10.41 -3.63 -5.23
N ALA A 408 10.10 -4.30 -6.33
CA ALA A 408 10.07 -3.65 -7.64
C ALA A 408 8.66 -3.46 -8.20
N PHE A 409 8.24 -2.20 -8.28
CA PHE A 409 6.91 -1.87 -8.79
C PHE A 409 6.93 -1.42 -10.25
N ASN A 410 6.14 -2.11 -11.07
CA ASN A 410 6.03 -1.84 -12.50
C ASN A 410 7.38 -1.55 -13.13
N VAL A 411 8.37 -2.36 -12.78
CA VAL A 411 9.71 -2.18 -13.31
C VAL A 411 10.28 -3.55 -13.74
N LYS A 412 11.23 -3.53 -14.67
CA LYS A 412 11.83 -4.77 -15.14
C LYS A 412 13.17 -5.00 -14.45
N VAL A 413 13.80 -6.14 -14.73
CA VAL A 413 15.08 -6.48 -14.13
C VAL A 413 16.19 -6.47 -15.16
N ILE A 414 17.26 -5.74 -14.87
CA ILE A 414 18.40 -5.67 -15.79
C ILE A 414 19.12 -7.01 -15.73
N PRO A 415 19.39 -7.62 -16.91
CA PRO A 415 20.09 -8.92 -16.98
C PRO A 415 21.23 -9.02 -15.97
N SER A 416 22.08 -8.00 -15.95
CA SER A 416 23.21 -7.94 -15.03
C SER A 416 22.75 -8.18 -13.60
N ALA A 417 21.61 -7.60 -13.24
CA ALA A 417 21.08 -7.77 -11.90
C ALA A 417 20.44 -9.15 -11.76
N ALA A 418 19.94 -9.69 -12.87
CA ALA A 418 19.33 -11.00 -12.87
C ALA A 418 20.35 -12.04 -12.42
N GLN A 419 21.55 -11.97 -13.02
CA GLN A 419 22.63 -12.88 -12.69
C GLN A 419 23.02 -12.69 -11.22
N GLU A 420 23.26 -11.44 -10.83
CA GLU A 420 23.64 -11.12 -9.46
C GLU A 420 22.61 -11.68 -8.49
N LEU A 421 21.36 -11.71 -8.94
CA LEU A 421 20.26 -12.19 -8.13
C LEU A 421 20.22 -13.73 -8.08
N LYS A 422 21.00 -14.37 -8.95
CA LYS A 422 21.05 -15.82 -8.99
C LYS A 422 21.24 -16.40 -7.59
N ASN A 423 22.27 -15.95 -6.88
CA ASN A 423 22.49 -16.44 -5.52
C ASN A 423 21.32 -15.96 -4.68
N SER A 424 20.65 -16.89 -4.01
CA SER A 424 19.49 -16.57 -3.18
C SER A 424 19.83 -15.62 -2.03
N ASP A 425 19.01 -15.68 -0.99
CA ASP A 425 19.14 -14.84 0.20
C ASP A 425 18.55 -13.47 -0.07
N ILE A 426 18.48 -13.11 -1.35
CA ILE A 426 17.93 -11.84 -1.79
C ILE A 426 16.57 -12.08 -2.46
N LYS A 427 15.50 -11.72 -1.76
CA LYS A 427 14.14 -11.91 -2.27
C LYS A 427 13.67 -10.77 -3.16
N LEU A 428 13.12 -11.10 -4.32
CA LEU A 428 12.63 -10.12 -5.28
C LEU A 428 11.12 -10.14 -5.46
N PHE A 429 10.47 -9.04 -5.07
CA PHE A 429 9.02 -8.90 -5.22
C PHE A 429 8.71 -8.00 -6.42
N GLN A 430 8.12 -8.58 -7.46
CA GLN A 430 7.77 -7.82 -8.66
C GLN A 430 6.28 -7.84 -8.92
N GLY A 431 5.76 -6.73 -9.44
CA GLY A 431 4.35 -6.64 -9.74
C GLY A 431 3.90 -5.23 -10.08
N ASN A 432 2.71 -5.11 -10.65
CA ASN A 432 2.15 -3.82 -11.02
C ASN A 432 0.96 -3.46 -10.13
N VAL A 433 0.90 -4.09 -8.96
CA VAL A 433 -0.17 -3.83 -8.00
C VAL A 433 0.47 -3.66 -6.64
N ILE A 434 0.60 -2.42 -6.20
CA ILE A 434 1.21 -2.11 -4.92
C ILE A 434 0.70 -2.91 -3.71
N TYR A 435 -0.62 -2.95 -3.47
CA TYR A 435 -1.09 -3.68 -2.31
C TYR A 435 -0.73 -5.17 -2.29
N ARG A 436 -0.64 -5.80 -3.46
CA ARG A 436 -0.25 -7.22 -3.51
C ARG A 436 1.22 -7.35 -3.10
N LEU A 437 2.07 -6.48 -3.62
CA LEU A 437 3.48 -6.51 -3.29
C LEU A 437 3.67 -6.40 -1.78
N MET A 438 2.91 -5.51 -1.15
CA MET A 438 3.00 -5.31 0.29
C MET A 438 2.43 -6.52 1.01
N GLU A 439 1.46 -7.15 0.37
CA GLU A 439 0.81 -8.34 0.92
C GLU A 439 1.89 -9.43 0.96
N GLU A 440 2.51 -9.66 -0.19
CA GLU A 440 3.56 -10.65 -0.34
C GLU A 440 4.73 -10.42 0.61
N TYR A 441 5.11 -9.17 0.80
CA TYR A 441 6.22 -8.85 1.68
C TYR A 441 5.91 -9.22 3.11
N GLU A 442 4.67 -9.01 3.53
CA GLU A 442 4.27 -9.33 4.89
C GLU A 442 4.26 -10.83 5.15
N GLU A 443 3.69 -11.59 4.22
CA GLU A 443 3.63 -13.03 4.38
C GLU A 443 5.03 -13.62 4.24
N TRP A 444 5.94 -12.81 3.71
CA TRP A 444 7.32 -13.24 3.54
C TRP A 444 8.02 -13.04 4.89
N VAL A 445 7.82 -11.87 5.49
CA VAL A 445 8.40 -11.59 6.79
C VAL A 445 7.77 -12.57 7.77
N ARG A 446 6.53 -12.94 7.48
CA ARG A 446 5.76 -13.89 8.29
C ARG A 446 6.57 -15.17 8.46
N GLY A 447 6.90 -15.81 7.35
CA GLY A 447 7.66 -17.04 7.38
C GLY A 447 9.01 -16.84 8.05
N ILE A 448 9.75 -15.83 7.57
CA ILE A 448 11.05 -15.51 8.14
C ILE A 448 10.94 -15.40 9.65
N GLU A 449 9.78 -14.97 10.14
CA GLU A 449 9.57 -14.82 11.58
C GLU A 449 9.42 -16.17 12.27
N GLU A 450 8.68 -17.09 11.65
CA GLU A 450 8.48 -18.41 12.23
C GLU A 450 9.82 -19.14 12.16
N GLU A 451 10.42 -19.17 10.99
CA GLU A 451 11.70 -19.83 10.78
C GLU A 451 12.77 -19.33 11.75
N LYS A 452 12.51 -18.20 12.38
CA LYS A 452 13.45 -17.62 13.33
C LYS A 452 13.25 -18.23 14.71
N LYS A 453 12.04 -18.14 15.23
CA LYS A 453 11.75 -18.68 16.55
C LYS A 453 12.04 -20.19 16.62
N LYS A 454 11.49 -20.94 15.67
CA LYS A 454 11.72 -22.38 15.65
C LYS A 454 13.22 -22.65 15.76
N LYS A 455 14.01 -21.75 15.18
CA LYS A 455 15.46 -21.89 15.22
C LYS A 455 16.05 -21.69 16.60
N TRP A 456 15.55 -20.72 17.36
CA TRP A 456 16.11 -20.50 18.69
C TRP A 456 15.44 -21.41 19.71
N MET A 457 14.35 -22.05 19.31
CA MET A 457 13.65 -22.97 20.21
C MET A 457 14.44 -24.26 20.28
N GLU A 458 15.09 -24.60 19.16
CA GLU A 458 15.90 -25.80 19.07
C GLU A 458 17.07 -25.72 20.05
N ALA A 459 17.39 -24.50 20.49
CA ALA A 459 18.48 -24.29 21.43
C ALA A 459 17.98 -24.23 22.85
N ILE A 460 16.68 -24.45 23.03
CA ILE A 460 16.09 -24.41 24.36
C ILE A 460 15.80 -25.84 24.83
N ILE A 461 16.05 -26.08 26.11
CA ILE A 461 15.81 -27.40 26.69
C ILE A 461 14.34 -27.54 27.05
N LYS A 462 13.63 -28.40 26.32
CA LYS A 462 12.20 -28.61 26.53
C LYS A 462 11.87 -29.69 27.57
N PRO A 463 10.61 -29.73 28.02
CA PRO A 463 10.23 -30.74 29.02
C PRO A 463 10.13 -32.14 28.38
N ALA A 464 10.56 -33.14 29.11
CA ALA A 464 10.49 -34.52 28.64
C ALA A 464 10.62 -35.40 29.87
N SER A 465 10.00 -36.58 29.80
CA SER A 465 10.04 -37.49 30.92
C SER A 465 10.46 -38.90 30.47
N ILE A 466 11.21 -39.58 31.33
CA ILE A 466 11.71 -40.91 31.01
C ILE A 466 11.49 -41.92 32.13
N ARG A 467 11.33 -43.19 31.75
CA ARG A 467 11.16 -44.26 32.72
C ARG A 467 12.23 -45.32 32.47
N LEU A 468 12.98 -45.67 33.52
CA LEU A 468 14.03 -46.68 33.41
C LEU A 468 13.38 -48.05 33.49
N ILE A 469 13.32 -48.74 32.36
CA ILE A 469 12.70 -50.05 32.32
C ILE A 469 13.41 -51.06 33.19
N PRO A 470 12.65 -51.72 34.07
CA PRO A 470 13.26 -52.71 34.95
C PRO A 470 13.85 -53.90 34.17
N LYS A 471 14.90 -54.49 34.71
CA LYS A 471 15.57 -55.66 34.16
C LYS A 471 16.32 -55.48 32.84
N LEU A 472 16.45 -54.24 32.37
CA LEU A 472 17.17 -53.99 31.14
C LEU A 472 18.39 -53.11 31.42
N VAL A 473 19.28 -53.60 32.28
CA VAL A 473 20.51 -52.85 32.64
C VAL A 473 21.69 -53.47 31.89
N PHE A 474 22.28 -52.73 30.96
CA PHE A 474 23.42 -53.24 30.20
C PHE A 474 24.77 -52.85 30.77
N ARG A 475 24.80 -51.77 31.53
CA ARG A 475 26.04 -51.31 32.15
C ARG A 475 25.63 -50.54 33.39
N GLN A 476 26.27 -50.84 34.50
CA GLN A 476 25.92 -50.18 35.75
C GLN A 476 26.31 -48.71 35.80
N SER A 477 27.52 -48.40 35.36
CA SER A 477 27.94 -47.01 35.44
C SER A 477 29.03 -46.60 34.49
N LYS A 478 29.65 -45.47 34.82
CA LYS A 478 30.66 -44.86 33.99
C LYS A 478 29.60 -44.66 32.94
N PRO A 479 29.73 -45.24 31.75
CA PRO A 479 28.50 -44.82 31.07
C PRO A 479 27.42 -45.76 31.64
N ALA A 480 26.39 -45.24 32.29
CA ALA A 480 25.32 -46.11 32.78
C ALA A 480 24.53 -46.39 31.51
N ILE A 481 24.13 -47.65 31.29
CA ILE A 481 23.34 -47.98 30.09
C ILE A 481 22.18 -48.92 30.39
N GLY A 482 20.98 -48.50 30.00
CA GLY A 482 19.82 -49.32 30.23
C GLY A 482 18.66 -49.00 29.30
N GLY A 483 17.67 -49.87 29.29
CA GLY A 483 16.49 -49.68 28.46
C GLY A 483 15.66 -48.55 29.06
N VAL A 484 15.14 -47.70 28.20
CA VAL A 484 14.33 -46.58 28.66
C VAL A 484 13.10 -46.38 27.78
N GLU A 485 12.03 -45.87 28.38
CA GLU A 485 10.79 -45.55 27.66
C GLU A 485 10.55 -44.07 27.86
N VAL A 486 10.34 -43.34 26.77
CA VAL A 486 10.07 -41.91 26.86
C VAL A 486 8.59 -41.73 27.28
N LEU A 487 8.33 -41.04 28.39
CA LEU A 487 6.95 -40.87 28.84
C LEU A 487 6.24 -39.72 28.13
N THR A 488 6.77 -38.51 28.25
CA THR A 488 6.17 -37.36 27.58
C THR A 488 7.29 -36.47 27.04
N GLY A 489 7.03 -35.77 25.95
CA GLY A 489 8.03 -34.89 25.38
C GLY A 489 8.95 -35.52 24.36
N VAL A 490 10.11 -34.90 24.19
CA VAL A 490 11.12 -35.35 23.26
C VAL A 490 12.46 -35.23 23.96
N ILE A 491 12.98 -36.34 24.47
CA ILE A 491 14.25 -36.33 25.16
C ILE A 491 15.33 -36.21 24.08
N ARG A 492 16.36 -35.41 24.34
CA ARG A 492 17.43 -35.26 23.37
C ARG A 492 18.82 -35.56 23.90
N GLN A 493 19.69 -35.94 22.99
CA GLN A 493 21.08 -36.23 23.33
C GLN A 493 21.66 -34.97 23.94
N GLY A 494 22.19 -35.08 25.16
CA GLY A 494 22.76 -33.92 25.81
C GLY A 494 21.92 -33.37 26.94
N TYR A 495 20.62 -33.66 26.93
CA TYR A 495 19.73 -33.19 27.98
C TYR A 495 20.12 -33.65 29.37
N PRO A 496 20.01 -32.75 30.37
CA PRO A 496 20.33 -33.05 31.76
C PRO A 496 19.13 -33.75 32.37
N LEU A 497 19.38 -34.72 33.24
CA LEU A 497 18.29 -35.45 33.87
C LEU A 497 18.35 -35.26 35.37
N MET A 498 17.18 -35.21 35.99
CA MET A 498 17.13 -35.06 37.43
C MET A 498 16.18 -36.05 38.09
N ASN A 499 16.46 -36.28 39.36
CA ASN A 499 15.71 -37.18 40.22
C ASN A 499 14.32 -36.62 40.49
N ASP A 500 13.46 -37.45 41.06
CA ASP A 500 12.10 -37.07 41.41
C ASP A 500 12.14 -35.96 42.46
N ASP A 501 13.32 -35.76 43.03
CA ASP A 501 13.52 -34.74 44.05
C ASP A 501 14.51 -33.68 43.57
N GLY A 502 14.41 -33.33 42.29
CA GLY A 502 15.27 -32.30 41.72
C GLY A 502 16.77 -32.52 41.69
N GLU A 503 17.25 -33.63 42.25
CA GLU A 503 18.68 -33.92 42.26
C GLU A 503 19.17 -34.33 40.87
N THR A 504 20.28 -33.74 40.42
CA THR A 504 20.84 -34.09 39.11
C THR A 504 21.37 -35.51 39.16
N VAL A 505 21.08 -36.31 38.13
CA VAL A 505 21.56 -37.67 38.09
C VAL A 505 22.45 -37.95 36.88
N GLY A 506 22.54 -37.00 35.96
CA GLY A 506 23.38 -37.19 34.80
C GLY A 506 22.81 -36.59 33.54
N THR A 507 23.49 -36.83 32.42
CA THR A 507 23.04 -36.29 31.15
C THR A 507 22.90 -37.40 30.13
N VAL A 508 21.98 -37.24 29.19
CA VAL A 508 21.76 -38.23 28.15
C VAL A 508 22.95 -38.21 27.19
N GLU A 509 23.75 -39.27 27.21
CA GLU A 509 24.92 -39.35 26.36
C GLU A 509 24.64 -39.87 24.94
N SER A 510 23.76 -40.85 24.83
CA SER A 510 23.41 -41.39 23.52
C SER A 510 22.24 -42.34 23.65
N MET A 511 21.56 -42.55 22.53
CA MET A 511 20.40 -43.42 22.50
C MET A 511 20.46 -44.27 21.23
N GLN A 512 19.71 -45.36 21.26
CA GLN A 512 19.66 -46.29 20.15
C GLN A 512 18.29 -46.96 20.10
N ASP A 513 17.64 -46.87 18.95
CA ASP A 513 16.33 -47.46 18.74
C ASP A 513 16.58 -48.77 17.99
N LYS A 514 16.55 -49.88 18.72
CA LYS A 514 16.83 -51.18 18.14
C LYS A 514 18.22 -51.07 17.51
N GLY A 515 18.28 -50.83 16.20
CA GLY A 515 19.57 -50.71 15.53
C GLY A 515 19.86 -49.32 15.03
N GLU A 516 19.05 -48.35 15.45
CA GLU A 516 19.21 -46.96 15.04
C GLU A 516 19.81 -46.05 16.11
N ASN A 517 20.83 -45.28 15.72
CA ASN A 517 21.46 -44.33 16.63
C ASN A 517 20.57 -43.08 16.61
N LEU A 518 20.02 -42.71 17.77
CA LEU A 518 19.14 -41.55 17.85
C LEU A 518 19.64 -40.36 18.65
N LYS A 519 19.39 -39.17 18.13
CA LYS A 519 19.79 -37.95 18.80
C LYS A 519 18.56 -37.41 19.52
N SER A 520 17.39 -37.93 19.13
CA SER A 520 16.13 -37.52 19.71
C SER A 520 15.15 -38.68 19.83
N ALA A 521 14.44 -38.75 20.95
CA ALA A 521 13.46 -39.80 21.18
C ALA A 521 12.16 -39.22 21.73
N SER A 522 11.03 -39.63 21.17
CA SER A 522 9.75 -39.12 21.61
C SER A 522 8.79 -40.21 22.04
N ARG A 523 7.53 -39.81 22.20
CA ARG A 523 6.42 -40.70 22.57
C ARG A 523 6.83 -41.86 23.47
N GLY A 524 6.40 -43.06 23.12
CA GLY A 524 6.76 -44.23 23.89
C GLY A 524 7.65 -45.13 23.05
N GLN A 525 8.73 -44.56 22.53
CA GLN A 525 9.69 -45.27 21.66
C GLN A 525 10.53 -46.44 22.19
N LYS A 526 10.89 -46.40 23.46
CA LYS A 526 11.72 -47.43 24.11
C LYS A 526 13.03 -47.64 23.37
N VAL A 527 14.11 -47.20 24.01
CA VAL A 527 15.44 -47.29 23.44
C VAL A 527 16.49 -47.64 24.50
N ALA A 528 17.66 -48.07 24.03
CA ALA A 528 18.76 -48.36 24.93
C ALA A 528 19.41 -46.99 25.06
N MET A 529 19.52 -46.50 26.29
CA MET A 529 20.08 -45.18 26.54
C MET A 529 21.31 -45.19 27.43
N ALA A 530 22.30 -44.40 27.06
CA ALA A 530 23.51 -44.29 27.85
C ALA A 530 23.40 -42.98 28.60
N ILE A 531 23.55 -43.04 29.92
CA ILE A 531 23.46 -41.85 30.75
C ILE A 531 24.80 -41.60 31.43
N LYS A 532 25.45 -40.54 31.02
CA LYS A 532 26.75 -40.16 31.57
C LYS A 532 26.57 -39.69 33.02
N ASP A 533 27.50 -40.06 33.89
CA ASP A 533 27.48 -39.68 35.29
C ASP A 533 26.46 -40.37 36.17
N ALA A 534 25.59 -41.17 35.58
CA ALA A 534 24.59 -41.88 36.38
C ALA A 534 25.13 -43.27 36.74
N VAL A 535 24.65 -43.83 37.84
CA VAL A 535 25.06 -45.17 38.25
C VAL A 535 23.88 -45.91 38.84
N TYR A 536 23.52 -47.03 38.21
CA TYR A 536 22.40 -47.83 38.65
C TYR A 536 22.62 -48.36 40.06
N GLY A 537 21.54 -48.43 40.82
CA GLY A 537 21.64 -48.91 42.18
C GLY A 537 22.17 -47.86 43.15
N LYS A 538 22.55 -46.69 42.62
CA LYS A 538 23.04 -45.63 43.48
C LYS A 538 22.25 -44.35 43.22
N THR A 539 22.56 -43.66 42.13
CA THR A 539 21.89 -42.42 41.78
C THR A 539 20.62 -42.61 40.94
N ILE A 540 20.52 -43.73 40.24
CA ILE A 540 19.32 -44.02 39.45
C ILE A 540 18.95 -45.46 39.74
N HIS A 541 17.66 -45.79 39.66
CA HIS A 541 17.20 -47.14 39.95
C HIS A 541 16.17 -47.60 38.94
N GLU A 542 16.14 -48.90 38.68
CA GLU A 542 15.18 -49.46 37.74
C GLU A 542 13.76 -49.06 38.16
N GLY A 543 12.95 -48.64 37.19
CA GLY A 543 11.58 -48.27 37.48
C GLY A 543 11.38 -46.79 37.76
N ASP A 544 12.47 -46.10 38.07
CA ASP A 544 12.43 -44.67 38.35
C ASP A 544 11.93 -43.88 37.14
N THR A 545 11.41 -42.69 37.41
CA THR A 545 10.99 -41.78 36.37
C THR A 545 12.02 -40.66 36.47
N LEU A 546 12.59 -40.26 35.34
CA LEU A 546 13.56 -39.18 35.35
C LEU A 546 12.99 -38.02 34.54
N TYR A 547 13.35 -36.80 34.90
CA TYR A 547 12.83 -35.61 34.22
C TYR A 547 13.94 -34.72 33.67
N VAL A 548 13.66 -34.03 32.58
CA VAL A 548 14.64 -33.11 32.00
C VAL A 548 14.84 -32.00 33.03
N ASP A 549 16.10 -31.71 33.34
CA ASP A 549 16.46 -30.70 34.33
C ASP A 549 16.50 -29.33 33.63
N ILE A 550 15.34 -28.81 33.28
CA ILE A 550 15.22 -27.54 32.58
C ILE A 550 15.86 -26.41 33.40
N PRO A 551 16.66 -25.56 32.74
CA PRO A 551 17.32 -24.44 33.42
C PRO A 551 16.30 -23.34 33.73
N GLU A 552 16.56 -22.53 34.76
CA GLU A 552 15.64 -21.45 35.11
C GLU A 552 15.33 -20.52 33.94
N ASN A 553 16.38 -19.94 33.37
CA ASN A 553 16.21 -19.03 32.24
C ASN A 553 15.42 -19.69 31.11
N HIS A 554 15.65 -20.98 30.90
CA HIS A 554 14.94 -21.72 29.84
C HIS A 554 13.46 -21.91 30.21
N TYR A 555 13.22 -22.22 31.47
CA TYR A 555 11.85 -22.42 31.95
C TYR A 555 11.03 -21.17 31.71
N HIS A 556 11.60 -20.01 32.05
CA HIS A 556 10.91 -18.73 31.86
C HIS A 556 10.45 -18.56 30.42
N ILE A 557 11.16 -19.17 29.49
CA ILE A 557 10.79 -19.06 28.09
C ILE A 557 9.61 -19.98 27.74
N LEU A 558 8.65 -20.06 28.65
CA LEU A 558 7.44 -20.87 28.42
C LEU A 558 6.46 -19.90 27.79
N LYS A 559 6.54 -18.64 28.22
CA LYS A 559 5.68 -17.57 27.74
C LYS A 559 6.30 -16.88 26.52
N GLU A 560 7.60 -16.61 26.58
CA GLU A 560 8.29 -15.95 25.48
C GLU A 560 8.37 -16.86 24.24
N GLN A 561 7.63 -17.96 24.29
CA GLN A 561 7.60 -18.93 23.19
C GLN A 561 6.89 -20.21 23.63
N LEU A 562 5.60 -20.30 23.32
CA LEU A 562 4.81 -21.47 23.69
C LEU A 562 4.09 -22.07 22.48
N LEU A 566 3.88 -26.43 21.83
CA LEU A 566 4.07 -27.11 23.13
C LEU A 566 2.89 -28.02 23.43
N THR A 567 3.06 -29.32 23.22
CA THR A 567 2.01 -30.31 23.45
C THR A 567 1.34 -30.12 24.80
N ASP A 568 0.16 -30.72 24.96
CA ASP A 568 -0.57 -30.62 26.23
C ASP A 568 0.22 -31.35 27.32
N GLU A 569 0.63 -32.58 27.04
CA GLU A 569 1.38 -33.36 28.01
C GLU A 569 2.65 -32.61 28.41
N GLU A 570 3.27 -31.95 27.44
CA GLU A 570 4.47 -31.17 27.72
C GLU A 570 4.15 -30.09 28.74
N LEU A 571 3.00 -29.43 28.56
CA LEU A 571 2.57 -28.37 29.46
C LEU A 571 2.40 -28.93 30.87
N ASP A 572 1.68 -30.05 30.97
CA ASP A 572 1.48 -30.68 32.27
C ASP A 572 2.81 -31.01 32.90
N LEU A 573 3.74 -31.50 32.10
CA LEU A 573 5.06 -31.86 32.57
C LEU A 573 5.82 -30.65 33.09
N MET A 574 5.76 -29.57 32.33
CA MET A 574 6.44 -28.35 32.74
C MET A 574 5.99 -27.94 34.14
N ASP A 575 4.72 -28.13 34.45
CA ASP A 575 4.23 -27.79 35.78
C ASP A 575 4.81 -28.78 36.79
N LYS A 576 4.84 -30.04 36.41
CA LYS A 576 5.39 -31.10 37.27
C LYS A 576 6.85 -30.80 37.58
N ILE A 577 7.62 -30.51 36.54
CA ILE A 577 9.03 -30.21 36.70
C ILE A 577 9.21 -29.00 37.61
N ALA A 578 8.29 -28.05 37.50
CA ALA A 578 8.35 -26.85 38.33
C ALA A 578 8.08 -27.23 39.78
N GLU A 579 7.09 -28.09 39.97
CA GLU A 579 6.73 -28.55 41.31
C GLU A 579 7.93 -29.25 41.94
N ILE A 580 8.64 -30.05 41.15
CA ILE A 580 9.80 -30.78 41.64
C ILE A 580 10.90 -29.86 42.16
N LYS A 581 11.32 -28.92 41.33
CA LYS A 581 12.39 -28.00 41.70
C LYS A 581 11.98 -27.03 42.80
N ARG A 582 10.67 -26.79 42.92
CA ARG A 582 10.16 -25.87 43.92
C ARG A 582 10.36 -26.41 45.33
N LYS A 583 10.87 -27.63 45.43
CA LYS A 583 11.11 -28.25 46.73
C LYS A 583 12.31 -27.67 47.47
N LYS A 584 13.12 -26.88 46.78
CA LYS A 584 14.30 -26.28 47.41
C LYS A 584 14.57 -24.86 46.95
N ASN A 585 13.63 -24.28 46.21
CA ASN A 585 13.76 -22.91 45.71
C ASN A 585 12.57 -22.52 44.83
N PRO A 586 11.52 -21.94 45.44
CA PRO A 586 10.34 -21.53 44.67
C PRO A 586 10.63 -20.56 43.52
N ASP A 587 10.11 -20.91 42.35
CA ASP A 587 10.27 -20.14 41.10
C ASP A 587 11.57 -20.45 40.37
#